data_7OWV
#
_entry.id   7OWV
#
_cell.length_a   57.788
_cell.length_b   57.788
_cell.length_c   160.301
_cell.angle_alpha   90.000
_cell.angle_beta   90.000
_cell.angle_gamma   120.000
#
_symmetry.space_group_name_H-M   'P 32 2 1'
#
loop_
_entity.id
_entity.type
_entity.pdbx_description
1 polymer 'Chaperone protein IpgC'
2 non-polymer 'DIMETHYL SULFOXIDE'
3 non-polymer 'CHLORIDE ION'
4 non-polymer 3-(4-chlorophenyl)-5-methylsulfanyl-1~{H}-pyrazole-4-carbonitrile
5 non-polymer 'TRIETHYLENE GLYCOL'
6 water water
#
_entity_poly.entity_id   1
_entity_poly.type   'polypeptide(L)'
_entity_poly.pdbx_seq_one_letter_code
;GSISTAVIDAINSGATLKDINAIPDDMMDDIYSYAYDFYNKGRIEEAEVFFRFLCIYDFYNVDYIMGLAAIYQIKEQFQQ
AADLYAVAFALGKNDYTPVFHTGQCQLRLKAPLKAKECFELVIQHSNDEKLKIKAQSYLDAIQ
;
_entity_poly.pdbx_strand_id   A,B
#
loop_
_chem_comp.id
_chem_comp.type
_chem_comp.name
_chem_comp.formula
2IY non-polymer 3-(4-chlorophenyl)-5-methylsulfanyl-1~{H}-pyrazole-4-carbonitrile 'C11 H8 Cl N3 S'
CL non-polymer 'CHLORIDE ION' 'Cl -1'
DMS non-polymer 'DIMETHYL SULFOXIDE' 'C2 H6 O S'
PGE non-polymer 'TRIETHYLENE GLYCOL' 'C6 H14 O4'
#
# COMPACT_ATOMS: atom_id res chain seq x y z
N ALA A 6 3.30 -25.15 -15.28
CA ALA A 6 3.30 -23.73 -15.64
C ALA A 6 2.86 -22.86 -14.46
N VAL A 7 1.80 -23.28 -13.77
CA VAL A 7 1.31 -22.55 -12.61
C VAL A 7 2.30 -22.69 -11.46
N ILE A 8 2.87 -23.88 -11.29
CA ILE A 8 3.90 -24.10 -10.29
C ILE A 8 5.06 -23.13 -10.51
N ASP A 9 5.40 -22.85 -11.77
CA ASP A 9 6.45 -21.88 -12.06
C ASP A 9 6.14 -20.52 -11.47
N ALA A 10 4.87 -20.10 -11.52
CA ALA A 10 4.51 -18.81 -10.94
C ALA A 10 4.56 -18.88 -9.41
N ILE A 11 4.22 -20.03 -8.83
CA ILE A 11 4.34 -20.21 -7.39
C ILE A 11 5.80 -20.08 -6.95
N ASN A 12 6.73 -20.62 -7.74
CA ASN A 12 8.15 -20.54 -7.39
C ASN A 12 8.76 -19.17 -7.71
N SER A 13 8.23 -18.46 -8.70
CA SER A 13 8.76 -17.16 -9.09
C SER A 13 8.03 -16.00 -8.44
N GLY A 14 6.96 -16.26 -7.68
CA GLY A 14 6.18 -15.21 -7.07
C GLY A 14 5.32 -14.39 -8.02
N ALA A 15 5.26 -14.76 -9.30
CA ALA A 15 4.44 -14.04 -10.26
C ALA A 15 2.96 -14.36 -10.04
N THR A 16 2.11 -13.55 -10.64
CA THR A 16 0.68 -13.77 -10.50
C THR A 16 0.18 -14.74 -11.55
N LEU A 17 -1.02 -15.28 -11.30
CA LEU A 17 -1.69 -16.08 -12.32
C LEU A 17 -2.08 -15.19 -13.50
N LYS A 18 -2.38 -13.92 -13.22
CA LYS A 18 -2.69 -12.96 -14.27
C LYS A 18 -1.51 -12.76 -15.20
N ASP A 19 -0.29 -12.75 -14.66
CA ASP A 19 0.90 -12.56 -15.49
C ASP A 19 1.06 -13.66 -16.53
N ILE A 20 0.47 -14.84 -16.33
CA ILE A 20 0.60 -15.93 -17.27
C ILE A 20 -0.72 -16.21 -18.00
N ASN A 21 -1.69 -15.29 -17.90
CA ASN A 21 -2.99 -15.41 -18.56
C ASN A 21 -3.62 -16.79 -18.36
N ALA A 22 -3.71 -17.20 -17.10
CA ALA A 22 -4.20 -18.54 -16.78
C ALA A 22 -5.71 -18.68 -16.98
N ILE A 23 -6.45 -17.58 -16.97
CA ILE A 23 -7.89 -17.51 -17.17
C ILE A 23 -8.19 -16.33 -18.10
N PRO A 24 -9.04 -16.46 -19.12
CA PRO A 24 -9.26 -15.34 -20.03
C PRO A 24 -9.83 -14.11 -19.34
N ASP A 25 -9.53 -12.94 -19.93
CA ASP A 25 -9.92 -11.65 -19.37
C ASP A 25 -11.42 -11.57 -19.10
N ASP A 26 -12.23 -11.92 -20.10
CA ASP A 26 -13.68 -11.75 -19.95
C ASP A 26 -14.24 -12.69 -18.90
N MET A 27 -13.61 -13.85 -18.71
CA MET A 27 -14.04 -14.74 -17.64
C MET A 27 -13.72 -14.15 -16.27
N MET A 28 -12.55 -13.53 -16.12
CA MET A 28 -12.25 -12.87 -14.85
C MET A 28 -13.23 -11.73 -14.58
N ASP A 29 -13.59 -10.96 -15.61
CA ASP A 29 -14.60 -9.92 -15.42
C ASP A 29 -15.90 -10.52 -14.88
N ASP A 30 -16.31 -11.64 -15.45
CA ASP A 30 -17.53 -12.28 -15.00
C ASP A 30 -17.42 -12.69 -13.54
N ILE A 31 -16.26 -13.24 -13.14
CA ILE A 31 -16.07 -13.66 -11.76
C ILE A 31 -16.12 -12.45 -10.83
N TYR A 32 -15.50 -11.33 -11.22
CA TYR A 32 -15.59 -10.13 -10.40
C TYR A 32 -17.04 -9.66 -10.26
N SER A 33 -17.81 -9.71 -11.34
CA SER A 33 -19.20 -9.29 -11.27
C SER A 33 -20.02 -10.23 -10.39
N TYR A 34 -19.75 -11.53 -10.46
CA TYR A 34 -20.43 -12.48 -9.58
C TYR A 34 -20.06 -12.24 -8.12
N ALA A 35 -18.78 -11.95 -7.85
CA ALA A 35 -18.37 -11.61 -6.49
C ALA A 35 -19.15 -10.40 -5.97
N TYR A 36 -19.31 -9.37 -6.81
CA TYR A 36 -20.05 -8.19 -6.38
C TYR A 36 -21.53 -8.49 -6.20
N ASP A 37 -22.08 -9.39 -7.02
CA ASP A 37 -23.46 -9.81 -6.83
C ASP A 37 -23.65 -10.47 -5.46
N PHE A 38 -22.78 -11.42 -5.10
CA PHE A 38 -22.88 -12.05 -3.78
C PHE A 38 -22.81 -10.98 -2.70
N TYR A 39 -21.86 -10.05 -2.81
CA TYR A 39 -21.71 -8.98 -1.84
C TYR A 39 -22.98 -8.15 -1.69
N ASN A 40 -23.57 -7.73 -2.83
CA ASN A 40 -24.76 -6.88 -2.78
C ASN A 40 -25.97 -7.62 -2.23
N LYS A 41 -25.98 -8.95 -2.34
CA LYS A 41 -27.07 -9.79 -1.83
C LYS A 41 -26.86 -10.22 -0.39
N GLY A 42 -25.77 -9.81 0.26
CA GLY A 42 -25.58 -10.22 1.64
C GLY A 42 -25.04 -11.62 1.78
N ARG A 43 -24.62 -12.25 0.68
CA ARG A 43 -24.04 -13.59 0.69
C ARG A 43 -22.53 -13.44 0.95
N ILE A 44 -22.22 -13.10 2.20
CA ILE A 44 -20.87 -12.67 2.56
C ILE A 44 -19.87 -13.81 2.48
N GLU A 45 -20.25 -15.01 2.92
CA GLU A 45 -19.32 -16.12 2.87
C GLU A 45 -18.90 -16.42 1.44
N GLU A 46 -19.86 -16.41 0.51
CA GLU A 46 -19.57 -16.67 -0.90
C GLU A 46 -18.77 -15.53 -1.52
N ALA A 47 -19.13 -14.29 -1.21
CA ALA A 47 -18.35 -13.16 -1.68
C ALA A 47 -16.91 -13.25 -1.20
N GLU A 48 -16.72 -13.66 0.06
CA GLU A 48 -15.36 -13.79 0.59
C GLU A 48 -14.56 -14.84 -0.18
N VAL A 49 -15.16 -15.99 -0.49
CA VAL A 49 -14.47 -17.00 -1.30
C VAL A 49 -14.08 -16.40 -2.64
N PHE A 50 -15.02 -15.69 -3.29
CA PHE A 50 -14.77 -15.16 -4.62
C PHE A 50 -13.72 -14.06 -4.61
N PHE A 51 -13.77 -13.16 -3.62
CA PHE A 51 -12.74 -12.11 -3.58
C PHE A 51 -11.39 -12.68 -3.18
N ARG A 52 -11.35 -13.71 -2.33
CA ARG A 52 -10.07 -14.36 -2.07
C ARG A 52 -9.52 -14.99 -3.35
N PHE A 53 -10.40 -15.63 -4.13
CA PHE A 53 -9.99 -16.23 -5.39
C PHE A 53 -9.40 -15.18 -6.31
N LEU A 54 -10.07 -14.04 -6.43
CA LEU A 54 -9.60 -12.95 -7.28
C LEU A 54 -8.24 -12.44 -6.82
N CYS A 55 -8.05 -12.29 -5.51
CA CYS A 55 -6.77 -11.74 -5.03
C CYS A 55 -5.64 -12.75 -5.16
N ILE A 56 -5.94 -14.05 -5.14
CA ILE A 56 -4.91 -15.03 -5.46
C ILE A 56 -4.53 -14.93 -6.92
N TYR A 57 -5.52 -14.70 -7.78
CA TYR A 57 -5.26 -14.63 -9.21
C TYR A 57 -4.40 -13.40 -9.55
N ASP A 58 -4.71 -12.24 -8.97
CA ASP A 58 -3.94 -11.03 -9.24
C ASP A 58 -3.93 -10.16 -7.97
N PHE A 59 -2.90 -10.34 -7.15
N PHE A 59 -2.88 -10.32 -7.15
CA PHE A 59 -2.81 -9.60 -5.91
CA PHE A 59 -2.74 -9.49 -5.97
C PHE A 59 -2.31 -8.17 -6.09
C PHE A 59 -2.57 -8.02 -6.33
N TYR A 60 -2.24 -7.67 -7.33
N TYR A 60 -2.15 -7.73 -7.56
CA TYR A 60 -1.94 -6.27 -7.57
CA TYR A 60 -1.84 -6.36 -7.98
C TYR A 60 -3.14 -5.50 -8.13
C TYR A 60 -3.06 -5.60 -8.49
N ASN A 61 -4.26 -6.16 -8.34
CA ASN A 61 -5.48 -5.51 -8.85
C ASN A 61 -6.17 -4.77 -7.70
N VAL A 62 -6.23 -3.44 -7.79
N VAL A 62 -6.20 -3.44 -7.79
CA VAL A 62 -6.70 -2.64 -6.65
CA VAL A 62 -6.72 -2.61 -6.70
C VAL A 62 -8.18 -2.90 -6.36
C VAL A 62 -8.15 -2.98 -6.37
N ASP A 63 -9.00 -3.11 -7.40
CA ASP A 63 -10.41 -3.39 -7.15
C ASP A 63 -10.61 -4.76 -6.51
N TYR A 64 -9.79 -5.76 -6.88
CA TYR A 64 -9.91 -7.05 -6.20
C TYR A 64 -9.56 -6.92 -4.72
N ILE A 65 -8.48 -6.20 -4.41
N ILE A 65 -8.46 -6.20 -4.42
CA ILE A 65 -8.08 -5.99 -3.02
CA ILE A 65 -8.08 -5.99 -3.03
C ILE A 65 -9.14 -5.22 -2.24
C ILE A 65 -9.17 -5.24 -2.27
N MET A 66 -9.71 -4.17 -2.86
CA MET A 66 -10.75 -3.40 -2.19
C MET A 66 -11.98 -4.25 -1.86
N GLY A 67 -12.31 -5.20 -2.73
CA GLY A 67 -13.45 -6.07 -2.47
C GLY A 67 -13.21 -6.94 -1.25
N LEU A 68 -12.02 -7.53 -1.16
CA LEU A 68 -11.70 -8.36 0.00
C LEU A 68 -11.62 -7.51 1.27
N ALA A 69 -11.07 -6.30 1.16
CA ALA A 69 -10.98 -5.43 2.33
C ALA A 69 -12.38 -5.07 2.82
N ALA A 70 -13.31 -4.84 1.89
CA ALA A 70 -14.69 -4.50 2.27
C ALA A 70 -15.33 -5.65 3.03
N ILE A 71 -15.10 -6.88 2.56
N ILE A 71 -15.08 -6.89 2.60
CA ILE A 71 -15.62 -8.07 3.24
CA ILE A 71 -15.67 -8.02 3.30
C ILE A 71 -15.10 -8.14 4.67
C ILE A 71 -15.10 -8.15 4.70
N TYR A 72 -13.78 -7.93 4.84
CA TYR A 72 -13.20 -7.98 6.18
C TYR A 72 -13.77 -6.87 7.05
N GLN A 73 -13.97 -5.68 6.47
CA GLN A 73 -14.55 -4.60 7.25
C GLN A 73 -15.98 -4.94 7.69
N ILE A 74 -16.77 -5.52 6.80
CA ILE A 74 -18.14 -5.92 7.15
C ILE A 74 -18.13 -6.94 8.28
N LYS A 75 -17.17 -7.87 8.25
CA LYS A 75 -17.05 -8.89 9.27
C LYS A 75 -16.40 -8.38 10.55
N GLU A 76 -16.13 -7.08 10.62
CA GLU A 76 -15.54 -6.43 11.79
C GLU A 76 -14.13 -6.92 12.08
N GLN A 77 -13.45 -7.37 11.02
CA GLN A 77 -12.00 -7.64 11.07
C GLN A 77 -11.26 -6.37 10.63
N PHE A 78 -11.28 -5.37 11.52
CA PHE A 78 -10.96 -4.00 11.13
C PHE A 78 -9.49 -3.83 10.85
N GLN A 79 -8.63 -4.52 11.61
CA GLN A 79 -7.20 -4.39 11.35
C GLN A 79 -6.81 -5.07 10.05
N GLN A 80 -7.36 -6.26 9.78
CA GLN A 80 -7.09 -6.93 8.52
C GLN A 80 -7.60 -6.11 7.33
N ALA A 81 -8.76 -5.47 7.48
CA ALA A 81 -9.25 -4.55 6.45
C ALA A 81 -8.29 -3.39 6.26
N ALA A 82 -7.86 -2.75 7.36
CA ALA A 82 -6.98 -1.58 7.28
C ALA A 82 -5.67 -1.97 6.61
N ASP A 83 -5.16 -3.18 6.88
CA ASP A 83 -3.93 -3.65 6.25
C ASP A 83 -4.08 -3.71 4.74
N LEU A 84 -5.16 -4.32 4.26
CA LEU A 84 -5.38 -4.38 2.82
C LEU A 84 -5.61 -2.99 2.23
N TYR A 85 -6.32 -2.10 2.95
CA TYR A 85 -6.55 -0.77 2.39
C TYR A 85 -5.25 -0.03 2.15
N ALA A 86 -4.23 -0.23 3.00
CA ALA A 86 -2.96 0.45 2.79
C ALA A 86 -2.31 -0.03 1.50
N VAL A 87 -2.39 -1.33 1.22
CA VAL A 87 -1.89 -1.84 -0.05
C VAL A 87 -2.70 -1.28 -1.21
N ALA A 88 -4.04 -1.30 -1.09
CA ALA A 88 -4.86 -0.78 -2.17
C ALA A 88 -4.53 0.68 -2.47
N PHE A 89 -4.33 1.50 -1.42
CA PHE A 89 -3.96 2.88 -1.68
C PHE A 89 -2.66 2.97 -2.47
N ALA A 90 -1.67 2.20 -2.05
CA ALA A 90 -0.35 2.31 -2.66
C ALA A 90 -0.39 1.95 -4.12
N LEU A 91 -1.18 0.93 -4.47
CA LEU A 91 -1.17 0.47 -5.85
C LEU A 91 -1.86 1.47 -6.75
N GLY A 92 -2.89 2.16 -6.25
CA GLY A 92 -3.56 3.16 -7.07
C GLY A 92 -3.02 4.58 -7.00
N LYS A 93 -2.15 4.89 -6.04
CA LYS A 93 -1.47 6.18 -5.88
C LYS A 93 -2.37 7.36 -5.54
N ASN A 94 -3.43 7.59 -6.31
CA ASN A 94 -4.17 8.86 -6.17
C ASN A 94 -5.66 8.66 -5.91
N ASP A 95 -6.06 7.49 -5.43
CA ASP A 95 -7.46 7.25 -5.06
C ASP A 95 -7.50 7.14 -3.55
N TYR A 96 -8.18 8.08 -2.90
CA TYR A 96 -8.19 8.15 -1.44
C TYR A 96 -9.36 7.40 -0.82
N THR A 97 -10.18 6.71 -1.62
CA THR A 97 -11.22 5.87 -1.06
C THR A 97 -10.70 4.87 -0.04
N PRO A 98 -9.62 4.13 -0.29
CA PRO A 98 -9.13 3.23 0.77
C PRO A 98 -8.70 3.96 2.03
N VAL A 99 -8.18 5.19 1.92
CA VAL A 99 -7.82 5.96 3.11
C VAL A 99 -9.06 6.33 3.91
N PHE A 100 -10.14 6.72 3.22
CA PHE A 100 -11.42 6.97 3.87
C PHE A 100 -11.89 5.75 4.66
N HIS A 101 -11.86 4.57 4.03
CA HIS A 101 -12.33 3.40 4.76
C HIS A 101 -11.38 3.04 5.90
N THR A 102 -10.07 3.30 5.74
CA THR A 102 -9.14 3.10 6.85
C THR A 102 -9.52 3.99 8.04
N GLY A 103 -9.94 5.23 7.78
CA GLY A 103 -10.39 6.07 8.87
C GLY A 103 -11.57 5.45 9.63
N GLN A 104 -12.52 4.87 8.90
CA GLN A 104 -13.63 4.19 9.57
C GLN A 104 -13.12 3.05 10.44
N CYS A 105 -12.20 2.23 9.90
CA CYS A 105 -11.65 1.12 10.67
C CYS A 105 -10.96 1.61 11.93
N GLN A 106 -10.17 2.69 11.82
CA GLN A 106 -9.46 3.18 13.00
C GLN A 106 -10.42 3.64 14.08
N LEU A 107 -11.55 4.25 13.70
CA LEU A 107 -12.56 4.60 14.70
C LEU A 107 -13.05 3.37 15.43
N ARG A 108 -13.31 2.28 14.70
CA ARG A 108 -13.80 1.07 15.35
C ARG A 108 -12.73 0.41 16.20
N LEU A 109 -11.45 0.63 15.88
CA LEU A 109 -10.33 0.15 16.67
C LEU A 109 -9.99 1.08 17.84
N LYS A 110 -10.81 2.09 18.09
CA LYS A 110 -10.61 3.03 19.20
C LYS A 110 -9.30 3.81 19.06
N ALA A 111 -8.99 4.20 17.82
CA ALA A 111 -7.80 5.00 17.50
C ALA A 111 -8.25 6.29 16.82
N PRO A 112 -8.92 7.19 17.55
CA PRO A 112 -9.55 8.35 16.89
C PRO A 112 -8.57 9.35 16.32
N LEU A 113 -7.37 9.50 16.90
CA LEU A 113 -6.40 10.42 16.32
C LEU A 113 -5.87 9.87 15.00
N LYS A 114 -5.70 8.54 14.91
CA LYS A 114 -5.36 7.92 13.63
C LYS A 114 -6.47 8.13 12.61
N ALA A 115 -7.72 7.96 13.03
CA ALA A 115 -8.83 8.15 12.11
C ALA A 115 -8.88 9.58 11.59
N LYS A 116 -8.71 10.56 12.49
CA LYS A 116 -8.70 11.96 12.06
C LYS A 116 -7.63 12.21 11.01
N GLU A 117 -6.44 11.62 11.21
CA GLU A 117 -5.36 11.78 10.24
C GLU A 117 -5.77 11.25 8.87
N CYS A 118 -6.46 10.11 8.84
CA CYS A 118 -6.96 9.54 7.59
C CYS A 118 -7.93 10.48 6.90
N PHE A 119 -8.94 10.96 7.62
CA PHE A 119 -9.95 11.80 6.98
C PHE A 119 -9.36 13.13 6.53
N GLU A 120 -8.43 13.68 7.32
CA GLU A 120 -7.75 14.90 6.90
C GLU A 120 -6.95 14.69 5.63
N LEU A 121 -6.31 13.52 5.49
CA LEU A 121 -5.56 13.22 4.27
C LEU A 121 -6.48 13.22 3.06
N VAL A 122 -7.65 12.60 3.18
CA VAL A 122 -8.65 12.62 2.10
C VAL A 122 -8.99 14.06 1.73
N ILE A 123 -9.28 14.90 2.72
CA ILE A 123 -9.68 16.29 2.48
C ILE A 123 -8.58 17.06 1.76
N GLN A 124 -7.32 16.83 2.14
CA GLN A 124 -6.21 17.63 1.61
C GLN A 124 -5.79 17.22 0.21
N HIS A 125 -5.88 15.94 -0.13
N HIS A 125 -5.91 15.94 -0.15
CA HIS A 125 -5.33 15.44 -1.38
CA HIS A 125 -5.34 15.46 -1.40
C HIS A 125 -6.37 15.05 -2.41
C HIS A 125 -6.32 14.89 -2.40
N SER A 126 -7.54 14.56 -1.99
CA SER A 126 -8.46 13.94 -2.93
C SER A 126 -9.09 15.00 -3.84
N ASN A 127 -9.35 14.61 -5.08
CA ASN A 127 -10.12 15.43 -6.01
C ASN A 127 -11.55 14.92 -6.16
N ASP A 128 -11.94 13.96 -5.34
CA ASP A 128 -13.27 13.33 -5.36
C ASP A 128 -14.15 14.10 -4.38
N GLU A 129 -15.00 15.00 -4.90
CA GLU A 129 -15.77 15.89 -4.04
C GLU A 129 -16.77 15.14 -3.16
N LYS A 130 -17.44 14.13 -3.71
CA LYS A 130 -18.40 13.39 -2.89
C LYS A 130 -17.70 12.63 -1.77
N LEU A 131 -16.52 12.07 -2.06
CA LEU A 131 -15.73 11.41 -1.02
C LEU A 131 -15.28 12.40 0.05
N LYS A 132 -14.88 13.61 -0.36
CA LYS A 132 -14.45 14.58 0.64
C LYS A 132 -15.61 15.02 1.52
N ILE A 133 -16.83 15.06 0.99
CA ILE A 133 -17.99 15.39 1.81
C ILE A 133 -18.19 14.34 2.90
N LYS A 134 -18.07 13.05 2.53
CA LYS A 134 -18.18 11.99 3.52
C LYS A 134 -17.08 12.10 4.57
N ALA A 135 -15.84 12.35 4.12
CA ALA A 135 -14.73 12.46 5.07
C ALA A 135 -14.94 13.62 6.05
N GLN A 136 -15.47 14.73 5.56
CA GLN A 136 -15.69 15.88 6.43
C GLN A 136 -16.76 15.58 7.49
N SER A 137 -17.79 14.80 7.14
CA SER A 137 -18.83 14.50 8.12
C SER A 137 -18.27 13.68 9.29
N TYR A 138 -17.32 12.79 9.02
CA TYR A 138 -16.65 12.07 10.09
C TYR A 138 -15.79 13.02 10.94
N LEU A 139 -15.01 13.88 10.29
CA LEU A 139 -14.20 14.86 11.03
C LEU A 139 -15.07 15.72 11.92
N ASP A 140 -16.23 16.17 11.42
CA ASP A 140 -17.11 17.01 12.23
C ASP A 140 -17.57 16.28 13.49
N ALA A 141 -17.75 14.96 13.42
CA ALA A 141 -18.26 14.20 14.53
C ALA A 141 -17.20 13.75 15.53
N ILE A 142 -15.95 13.59 15.10
CA ILE A 142 -14.90 13.13 16.01
C ILE A 142 -14.61 14.21 17.04
N GLN A 143 -14.62 13.83 18.30
CA GLN A 143 -14.37 14.75 19.40
C GLN A 143 -12.89 15.12 19.45
N GLY B 1 7.19 -10.49 -4.02
CA GLY B 1 7.82 -9.39 -3.31
C GLY B 1 7.12 -9.10 -1.99
N SER B 2 7.54 -8.00 -1.35
N SER B 2 7.55 -8.01 -1.34
CA SER B 2 7.00 -7.65 -0.05
CA SER B 2 6.99 -7.65 -0.04
C SER B 2 5.49 -7.43 -0.10
C SER B 2 5.47 -7.45 -0.11
N ILE B 3 5.00 -6.79 -1.17
CA ILE B 3 3.56 -6.50 -1.26
C ILE B 3 2.77 -7.79 -1.48
N SER B 4 3.26 -8.69 -2.33
N SER B 4 3.26 -8.67 -2.36
CA SER B 4 2.55 -9.95 -2.53
CA SER B 4 2.62 -9.97 -2.56
C SER B 4 2.51 -10.77 -1.24
C SER B 4 2.52 -10.75 -1.24
N THR B 5 3.58 -10.74 -0.44
CA THR B 5 3.56 -11.42 0.85
C THR B 5 2.49 -10.84 1.76
N ALA B 6 2.41 -9.50 1.82
CA ALA B 6 1.37 -8.87 2.62
C ALA B 6 -0.02 -9.31 2.18
N VAL B 7 -0.26 -9.38 0.87
CA VAL B 7 -1.60 -9.74 0.39
C VAL B 7 -1.91 -11.21 0.68
N ILE B 8 -0.95 -12.11 0.42
CA ILE B 8 -1.17 -13.53 0.71
C ILE B 8 -1.47 -13.73 2.19
N ASP B 9 -0.72 -13.04 3.07
CA ASP B 9 -0.98 -13.14 4.51
C ASP B 9 -2.40 -12.71 4.83
N ALA B 10 -2.87 -11.65 4.17
CA ALA B 10 -4.22 -11.17 4.43
C ALA B 10 -5.29 -12.11 3.87
N ILE B 11 -5.01 -12.72 2.71
CA ILE B 11 -5.97 -13.68 2.16
C ILE B 11 -6.10 -14.87 3.11
N ASN B 12 -4.98 -15.36 3.60
CA ASN B 12 -4.97 -16.50 4.49
C ASN B 12 -5.31 -16.05 5.92
N ALA B 15 -2.47 -17.67 11.54
CA ALA B 15 -1.91 -16.44 12.07
C ALA B 15 -0.51 -16.22 11.52
N THR B 16 -0.02 -14.98 11.63
CA THR B 16 1.28 -14.60 11.15
C THR B 16 2.34 -14.72 12.25
N LEU B 17 3.60 -14.57 11.85
CA LEU B 17 4.69 -14.54 12.82
C LEU B 17 4.56 -13.35 13.77
N LYS B 18 4.13 -12.18 13.26
CA LYS B 18 3.95 -11.04 14.13
C LYS B 18 2.78 -11.25 15.09
N ASP B 19 1.73 -11.93 14.64
CA ASP B 19 0.57 -12.20 15.49
C ASP B 19 0.93 -12.98 16.75
N ILE B 20 2.05 -13.70 16.74
CA ILE B 20 2.47 -14.47 17.90
C ILE B 20 3.71 -13.86 18.56
N ASN B 21 4.02 -12.60 18.22
CA ASN B 21 5.19 -11.89 18.76
C ASN B 21 6.42 -12.79 18.68
N ALA B 22 6.68 -13.31 17.48
CA ALA B 22 7.73 -14.30 17.29
C ALA B 22 9.13 -13.69 17.36
N ILE B 23 9.28 -12.39 17.15
CA ILE B 23 10.56 -11.71 17.26
C ILE B 23 10.34 -10.46 18.09
N PRO B 24 11.04 -10.28 19.21
CA PRO B 24 10.81 -9.11 20.06
C PRO B 24 11.26 -7.81 19.40
N ASP B 25 10.71 -6.71 19.92
CA ASP B 25 11.02 -5.37 19.41
C ASP B 25 12.51 -5.12 19.36
N ASP B 26 13.21 -5.42 20.45
CA ASP B 26 14.63 -5.08 20.54
C ASP B 26 15.46 -5.86 19.53
N MET B 27 15.06 -7.10 19.21
CA MET B 27 15.77 -7.86 18.18
C MET B 27 15.52 -7.29 16.79
N MET B 28 14.28 -6.88 16.50
CA MET B 28 13.99 -6.23 15.23
C MET B 28 14.78 -4.94 15.07
N ASP B 29 14.86 -4.14 16.15
CA ASP B 29 15.68 -2.93 16.13
C ASP B 29 17.12 -3.25 15.75
N ASP B 30 17.68 -4.33 16.31
CA ASP B 30 19.05 -4.71 16.00
C ASP B 30 19.20 -5.10 14.54
N ILE B 31 18.26 -5.90 14.02
CA ILE B 31 18.35 -6.34 12.64
C ILE B 31 18.23 -5.16 11.69
N TYR B 32 17.37 -4.19 12.02
CA TYR B 32 17.29 -2.96 11.24
C TYR B 32 18.63 -2.25 11.20
N SER B 33 19.31 -2.14 12.35
CA SER B 33 20.61 -1.48 12.36
C SER B 33 21.64 -2.26 11.56
N TYR B 34 21.58 -3.59 11.60
CA TYR B 34 22.48 -4.39 10.77
C TYR B 34 22.21 -4.16 9.29
N ALA B 35 20.93 -4.07 8.92
CA ALA B 35 20.59 -3.82 7.52
C ALA B 35 21.25 -2.55 7.00
N TYR B 36 21.22 -1.48 7.80
CA TYR B 36 21.85 -0.24 7.36
C TYR B 36 23.38 -0.33 7.38
N ASP B 37 23.94 -1.16 8.28
CA ASP B 37 25.39 -1.38 8.24
C ASP B 37 25.81 -1.93 6.88
N PHE B 38 25.10 -2.98 6.41
CA PHE B 38 25.33 -3.50 5.07
C PHE B 38 25.12 -2.41 4.03
N TYR B 39 23.99 -1.70 4.12
CA TYR B 39 23.68 -0.68 3.14
C TYR B 39 24.78 0.38 3.07
N ASN B 40 25.20 0.89 4.24
CA ASN B 40 26.17 1.99 4.27
C ASN B 40 27.54 1.58 3.76
N LYS B 41 27.84 0.28 3.74
CA LYS B 41 29.09 -0.24 3.21
C LYS B 41 29.02 -0.59 1.72
N GLY B 42 27.87 -0.37 1.08
CA GLY B 42 27.69 -0.72 -0.31
C GLY B 42 27.27 -2.15 -0.55
N ARG B 43 27.00 -2.91 0.51
CA ARG B 43 26.55 -4.30 0.40
C ARG B 43 25.03 -4.32 0.21
N ILE B 44 24.60 -3.85 -0.96
CA ILE B 44 23.18 -3.58 -1.21
C ILE B 44 22.37 -4.88 -1.22
N GLU B 45 22.96 -5.95 -1.78
CA GLU B 45 22.25 -7.23 -1.88
C GLU B 45 21.92 -7.78 -0.50
N GLU B 46 22.88 -7.75 0.43
CA GLU B 46 22.60 -8.22 1.79
C GLU B 46 21.62 -7.30 2.49
N ALA B 47 21.77 -5.98 2.31
CA ALA B 47 20.80 -5.05 2.88
C ALA B 47 19.40 -5.35 2.38
N GLU B 48 19.27 -5.68 1.09
CA GLU B 48 17.95 -6.00 0.53
C GLU B 48 17.35 -7.23 1.20
N VAL B 49 18.16 -8.28 1.41
CA VAL B 49 17.66 -9.46 2.11
C VAL B 49 17.19 -9.08 3.51
N PHE B 50 17.98 -8.28 4.23
CA PHE B 50 17.60 -7.95 5.61
C PHE B 50 16.32 -7.10 5.64
N PHE B 51 16.17 -6.13 4.72
CA PHE B 51 14.94 -5.35 4.71
C PHE B 51 13.75 -6.19 4.26
N ARG B 52 13.96 -7.16 3.35
N ARG B 52 13.95 -7.14 3.32
CA ARG B 52 12.85 -8.04 2.97
CA ARG B 52 12.88 -8.06 2.96
C ARG B 52 12.47 -8.96 4.12
C ARG B 52 12.47 -8.91 4.15
N PHE B 53 13.45 -9.39 4.92
CA PHE B 53 13.16 -10.14 6.13
C PHE B 53 12.31 -9.31 7.10
N LEU B 54 12.73 -8.05 7.34
CA LEU B 54 11.98 -7.18 8.24
C LEU B 54 10.55 -6.95 7.73
N CYS B 55 10.39 -6.78 6.41
CA CYS B 55 9.06 -6.52 5.84
C CYS B 55 8.18 -7.77 5.77
N ILE B 56 8.78 -8.97 5.78
CA ILE B 56 7.97 -10.16 5.96
C ILE B 56 7.42 -10.24 7.39
N TYR B 57 8.26 -9.91 8.37
CA TYR B 57 7.81 -9.98 9.77
C TYR B 57 6.80 -8.89 10.11
N ASP B 58 7.09 -7.65 9.70
CA ASP B 58 6.26 -6.49 10.11
C ASP B 58 6.21 -5.55 8.91
N PHE B 59 5.38 -5.92 7.92
CA PHE B 59 5.28 -5.14 6.70
C PHE B 59 4.83 -3.71 6.96
N TYR B 60 3.90 -3.52 7.89
CA TYR B 60 3.25 -2.22 8.07
C TYR B 60 4.05 -1.35 9.03
N ASN B 61 5.30 -1.09 8.62
CA ASN B 61 6.28 -0.38 9.43
C ASN B 61 6.98 0.59 8.49
N VAL B 62 6.79 1.90 8.73
CA VAL B 62 7.27 2.91 7.81
C VAL B 62 8.79 2.81 7.63
N ASP B 63 9.53 2.54 8.70
CA ASP B 63 10.98 2.54 8.58
C ASP B 63 11.48 1.38 7.72
N TYR B 64 10.85 0.21 7.86
CA TYR B 64 11.27 -0.93 7.04
C TYR B 64 10.91 -0.70 5.59
N ILE B 65 9.70 -0.19 5.34
N ILE B 65 9.72 -0.18 5.33
CA ILE B 65 9.23 0.06 3.98
CA ILE B 65 9.27 0.04 3.96
C ILE B 65 10.13 1.08 3.28
C ILE B 65 10.17 1.08 3.27
N MET B 66 10.45 2.18 3.96
CA MET B 66 11.26 3.24 3.35
C MET B 66 12.66 2.75 3.01
N GLY B 67 13.22 1.88 3.86
CA GLY B 67 14.54 1.34 3.56
C GLY B 67 14.55 0.48 2.33
N LEU B 68 13.53 -0.38 2.19
CA LEU B 68 13.44 -1.24 1.02
C LEU B 68 13.14 -0.43 -0.24
N ALA B 69 12.29 0.59 -0.12
CA ALA B 69 11.99 1.42 -1.29
C ALA B 69 13.24 2.11 -1.81
N ALA B 70 14.11 2.58 -0.90
CA ALA B 70 15.34 3.23 -1.31
C ALA B 70 16.23 2.29 -2.10
N ILE B 71 16.30 1.03 -1.67
CA ILE B 71 17.15 0.06 -2.35
C ILE B 71 16.63 -0.19 -3.77
N TYR B 72 15.31 -0.31 -3.93
CA TYR B 72 14.77 -0.52 -5.28
C TYR B 72 15.02 0.70 -6.16
N GLN B 73 14.93 1.91 -5.60
CA GLN B 73 15.19 3.10 -6.41
C GLN B 73 16.64 3.13 -6.90
N ILE B 74 17.58 2.80 -6.00
CA ILE B 74 19.00 2.74 -6.37
C ILE B 74 19.23 1.69 -7.46
N LYS B 75 18.53 0.56 -7.35
CA LYS B 75 18.65 -0.53 -8.33
C LYS B 75 17.86 -0.27 -9.60
N GLU B 76 17.21 0.89 -9.72
CA GLU B 76 16.44 1.29 -10.89
C GLU B 76 15.25 0.36 -11.12
N GLN B 77 14.76 -0.23 -10.03
CA GLN B 77 13.46 -0.91 -10.01
C GLN B 77 12.40 0.10 -9.58
N PHE B 78 12.09 1.00 -10.53
CA PHE B 78 11.39 2.22 -10.17
C PHE B 78 9.93 1.99 -9.80
N GLN B 79 9.26 1.04 -10.44
CA GLN B 79 7.86 0.81 -10.10
C GLN B 79 7.74 0.19 -8.72
N GLN B 80 8.60 -0.77 -8.41
CA GLN B 80 8.57 -1.37 -7.08
C GLN B 80 8.87 -0.34 -6.00
N ALA B 81 9.81 0.57 -6.26
CA ALA B 81 10.09 1.64 -5.31
C ALA B 81 8.88 2.54 -5.12
N ALA B 82 8.27 2.98 -6.23
CA ALA B 82 7.11 3.88 -6.12
C ALA B 82 5.98 3.23 -5.32
N ASP B 83 5.74 1.93 -5.55
CA ASP B 83 4.67 1.25 -4.84
C ASP B 83 4.94 1.25 -3.32
N LEU B 84 6.18 0.94 -2.92
CA LEU B 84 6.51 0.91 -1.50
C LEU B 84 6.48 2.30 -0.89
N TYR B 85 6.99 3.33 -1.60
CA TYR B 85 6.91 4.68 -1.04
C TYR B 85 5.46 5.05 -0.74
N ALA B 86 4.54 4.65 -1.62
CA ALA B 86 3.13 4.96 -1.40
C ALA B 86 2.57 4.21 -0.19
N VAL B 87 3.05 2.98 0.09
CA VAL B 87 2.62 2.30 1.32
C VAL B 87 3.08 3.10 2.54
N ALA B 88 4.33 3.53 2.53
CA ALA B 88 4.86 4.31 3.66
C ALA B 88 4.02 5.54 3.92
N PHE B 89 3.65 6.27 2.85
CA PHE B 89 2.85 7.47 3.02
C PHE B 89 1.48 7.14 3.61
N ALA B 90 0.83 6.07 3.12
CA ALA B 90 -0.49 5.69 3.59
C ALA B 90 -0.47 5.34 5.07
N LEU B 91 0.61 4.73 5.53
CA LEU B 91 0.68 4.24 6.90
C LEU B 91 0.79 5.36 7.91
N GLY B 92 1.29 6.51 7.52
CA GLY B 92 1.36 7.58 8.49
C GLY B 92 2.65 8.34 8.41
N LYS B 93 3.59 7.89 7.57
CA LYS B 93 4.84 8.58 7.33
C LYS B 93 4.56 10.07 7.35
N ASN B 94 5.05 10.77 8.37
CA ASN B 94 4.56 12.10 8.66
C ASN B 94 5.23 13.18 7.83
N ASP B 95 5.93 12.81 6.77
CA ASP B 95 6.50 13.79 5.86
C ASP B 95 6.24 13.39 4.42
N TYR B 96 6.57 14.31 3.52
CA TYR B 96 6.34 14.17 2.10
C TYR B 96 7.54 13.60 1.34
N THR B 97 8.57 13.10 2.04
N THR B 97 8.58 13.16 2.04
CA THR B 97 9.72 12.56 1.30
CA THR B 97 9.70 12.54 1.33
C THR B 97 9.37 11.30 0.49
C THR B 97 9.28 11.36 0.46
N PRO B 98 8.40 10.45 0.89
CA PRO B 98 8.03 9.36 -0.03
C PRO B 98 7.29 9.85 -1.26
N VAL B 99 6.54 10.95 -1.15
CA VAL B 99 5.89 11.53 -2.32
C VAL B 99 6.92 12.10 -3.29
N PHE B 100 7.92 12.84 -2.76
CA PHE B 100 9.01 13.36 -3.58
C PHE B 100 9.74 12.24 -4.32
N HIS B 101 10.11 11.18 -3.60
CA HIS B 101 10.85 10.11 -4.27
C HIS B 101 9.97 9.38 -5.28
N THR B 102 8.66 9.25 -5.00
CA THR B 102 7.77 8.65 -6.00
C THR B 102 7.77 9.50 -7.28
N GLY B 103 7.80 10.82 -7.13
CA GLY B 103 7.89 11.68 -8.30
C GLY B 103 9.13 11.41 -9.13
N GLN B 104 10.27 11.21 -8.44
CA GLN B 104 11.49 10.87 -9.16
C GLN B 104 11.34 9.57 -9.93
N CYS B 105 10.76 8.55 -9.28
CA CYS B 105 10.54 7.26 -9.93
C CYS B 105 9.63 7.39 -11.15
N GLN B 106 8.54 8.16 -11.01
CA GLN B 106 7.62 8.30 -12.14
C GLN B 106 8.29 8.98 -13.32
N LEU B 107 9.18 9.94 -13.06
CA LEU B 107 9.96 10.52 -14.15
C LEU B 107 10.75 9.46 -14.90
N ARG B 108 11.40 8.54 -14.17
CA ARG B 108 12.19 7.51 -14.82
C ARG B 108 11.29 6.50 -15.55
N LEU B 109 10.05 6.35 -15.11
CA LEU B 109 9.08 5.49 -15.76
C LEU B 109 8.40 6.16 -16.95
N LYS B 110 8.84 7.36 -17.36
CA LYS B 110 8.26 8.07 -18.50
C LYS B 110 6.78 8.38 -18.25
N ALA B 111 6.47 8.74 -17.00
CA ALA B 111 5.13 9.13 -16.58
C ALA B 111 5.20 10.55 -16.00
N PRO B 112 5.49 11.54 -16.84
CA PRO B 112 5.76 12.89 -16.32
C PRO B 112 4.54 13.53 -15.68
N LEU B 113 3.33 13.19 -16.13
CA LEU B 113 2.13 13.75 -15.52
C LEU B 113 1.92 13.20 -14.11
N LYS B 114 2.23 11.92 -13.89
CA LYS B 114 2.19 11.39 -12.53
C LYS B 114 3.22 12.07 -11.66
N ALA B 115 4.44 12.25 -12.18
CA ALA B 115 5.50 12.91 -11.42
C ALA B 115 5.11 14.35 -11.07
N LYS B 116 4.52 15.08 -12.04
CA LYS B 116 4.10 16.45 -11.76
C LYS B 116 3.13 16.50 -10.58
N GLU B 117 2.16 15.57 -10.55
CA GLU B 117 1.22 15.54 -9.43
C GLU B 117 1.94 15.33 -8.12
N CYS B 118 2.95 14.46 -8.10
CA CYS B 118 3.72 14.21 -6.88
C CYS B 118 4.43 15.47 -6.40
N PHE B 119 5.16 16.13 -7.30
CA PHE B 119 5.94 17.29 -6.88
C PHE B 119 5.02 18.44 -6.47
N GLU B 120 3.88 18.59 -7.15
CA GLU B 120 2.92 19.61 -6.75
C GLU B 120 2.38 19.35 -5.35
N LEU B 121 2.15 18.07 -5.00
CA LEU B 121 1.71 17.75 -3.64
C LEU B 121 2.76 18.20 -2.62
N VAL B 122 4.04 17.95 -2.90
CA VAL B 122 5.10 18.38 -1.99
C VAL B 122 5.05 19.88 -1.77
N ILE B 123 4.98 20.66 -2.85
CA ILE B 123 5.04 22.10 -2.72
C ILE B 123 3.83 22.64 -1.95
N GLN B 124 2.66 22.03 -2.16
CA GLN B 124 1.46 22.53 -1.52
C GLN B 124 1.38 22.18 -0.04
N HIS B 125 1.95 21.03 0.36
CA HIS B 125 1.66 20.50 1.68
C HIS B 125 2.87 20.30 2.60
N SER B 126 4.07 20.17 2.06
CA SER B 126 5.24 19.98 2.91
C SER B 126 5.62 21.28 3.63
N ASN B 127 6.15 21.13 4.85
CA ASN B 127 6.74 22.23 5.58
C ASN B 127 8.27 22.17 5.57
N ASP B 128 8.84 21.29 4.76
CA ASP B 128 10.28 21.17 4.60
C ASP B 128 10.68 22.07 3.45
N GLU B 129 11.25 23.23 3.78
CA GLU B 129 11.53 24.22 2.74
C GLU B 129 12.56 23.71 1.73
N LYS B 130 13.54 22.92 2.19
CA LYS B 130 14.54 22.38 1.28
C LYS B 130 13.94 21.33 0.35
N LEU B 131 13.04 20.49 0.86
CA LEU B 131 12.37 19.52 0.01
C LEU B 131 11.51 20.23 -1.04
N LYS B 132 10.91 21.36 -0.67
CA LYS B 132 10.08 22.09 -1.63
C LYS B 132 10.92 22.65 -2.78
N ILE B 133 12.12 23.17 -2.49
CA ILE B 133 12.97 23.67 -3.56
C ILE B 133 13.33 22.55 -4.53
N LYS B 134 13.69 21.38 -3.99
CA LYS B 134 14.01 20.24 -4.84
C LYS B 134 12.84 19.86 -5.73
N ALA B 135 11.63 19.82 -5.15
CA ALA B 135 10.46 19.46 -5.94
C ALA B 135 10.22 20.48 -7.03
N GLN B 136 10.41 21.78 -6.73
CA GLN B 136 10.19 22.81 -7.72
C GLN B 136 11.19 22.69 -8.87
N SER B 137 12.42 22.28 -8.58
CA SER B 137 13.39 22.15 -9.66
C SER B 137 13.00 21.05 -10.65
N TYR B 138 12.38 19.97 -10.16
CA TYR B 138 11.86 18.96 -11.07
C TYR B 138 10.68 19.50 -11.85
N LEU B 139 9.78 20.22 -11.19
CA LEU B 139 8.66 20.85 -11.88
C LEU B 139 9.14 21.78 -12.99
N ASP B 140 10.19 22.57 -12.70
CA ASP B 140 10.70 23.50 -13.72
C ASP B 140 11.13 22.76 -14.97
N ALA B 141 11.61 21.52 -14.83
CA ALA B 141 12.09 20.76 -15.98
C ALA B 141 10.96 20.07 -16.72
N ILE B 142 9.86 19.75 -16.04
CA ILE B 142 8.71 19.13 -16.69
C ILE B 142 8.01 20.18 -17.57
S DMS C . -16.30 -3.57 -2.64
O DMS C . -15.48 -3.22 -3.85
C1 DMS C . -17.48 -2.23 -2.27
C2 DMS C . -17.44 -4.89 -3.12
CL CL D . -5.39 7.36 18.18
C9 2IY E . 1.46 9.70 -2.64
C5 2IY E . 1.26 9.91 -5.03
C2 2IY E . 0.54 10.36 -6.24
C4 2IY E . 1.71 9.06 -8.15
C6 2IY E . 2.45 9.19 -5.17
C3 2IY E . 0.75 9.96 -7.59
C7 2IY E . 3.13 8.73 -4.06
N 2IY E . -0.90 11.40 -7.44
C 2IY E . -0.83 8.83 -10.39
C1 2IY E . -0.19 10.63 -8.35
C10 2IY E . 0.77 10.16 -3.75
C8 2IY E . 2.63 9.00 -2.81
N1 2IY E . -0.47 11.24 -6.15
N2 2IY E . 2.45 8.36 -8.64
S 2IY E . -0.56 10.58 -10.07
CL 2IY E . 3.53 8.48 -1.41
CL CL F . 1.84 3.85 -10.30
C1 PGE G . 16.32 13.90 -0.22
O1 PGE G . 16.56 14.54 -1.46
C2 PGE G . 15.21 14.57 0.54
O2 PGE G . 15.51 15.95 0.70
C3 PGE G . 15.09 16.46 1.95
C4 PGE G . 15.40 17.92 2.05
O4 PGE G . 19.59 17.78 2.27
C6 PGE G . 18.88 18.96 2.66
C5 PGE G . 17.46 18.64 3.00
O3 PGE G . 16.79 18.13 1.84
#